data_4X9D
#
_entry.id   4X9D
#
_cell.length_a   57.741
_cell.length_b   66.874
_cell.length_c   109.310
_cell.angle_alpha   90.00
_cell.angle_beta   90.00
_cell.angle_gamma   90.00
#
_symmetry.space_group_name_H-M   'P 21 21 21'
#
loop_
_entity.id
_entity.type
_entity.pdbx_description
1 polymer 'Uncharacterized protein MJ1435'
2 non-polymer 'TRIETHYLENE GLYCOL'
3 non-polymer 'SULFATE ION'
4 non-polymer 'SODIUM ION'
5 non-polymer "URIDINE-5'-MONOPHOSPHATE"
6 non-polymer 1,2-ETHANEDIOL
7 non-polymer 'TETRAETHYLENE GLYCOL'
8 non-polymer 'CHLORIDE ION'
9 non-polymer DI(HYDROXYETHYL)ETHER
10 water water
#
_entity_poly.entity_id   1
_entity_poly.type   'polypeptide(L)'
_entity_poly.pdbx_seq_one_letter_code
;MNKPVKKQQPKKVIPNFEYARRLNGKKVKIFLRNGEVLDAEVTGVSNYEIMVKVGDRNLLVFKHAIDYIEY
;
_entity_poly.pdbx_strand_id   A,B,C,D,E,F
#
# COMPACT_ATOMS: atom_id res chain seq x y z
N ASN A 16 -14.91 -3.45 14.94
CA ASN A 16 -14.69 -3.51 13.50
C ASN A 16 -14.25 -4.89 13.03
N PHE A 17 -15.22 -5.61 12.49
CA PHE A 17 -15.15 -7.03 12.20
C PHE A 17 -14.15 -7.39 11.10
N GLU A 18 -13.56 -8.58 11.21
CA GLU A 18 -12.78 -9.11 10.09
CA GLU A 18 -12.68 -9.14 10.16
C GLU A 18 -13.06 -10.59 9.89
N TYR A 19 -13.29 -10.94 8.64
CA TYR A 19 -13.56 -12.32 8.27
C TYR A 19 -12.32 -13.22 8.40
N ALA A 20 -11.13 -12.65 8.26
CA ALA A 20 -9.92 -13.47 8.23
C ALA A 20 -9.70 -14.23 9.54
N ARG A 21 -10.16 -13.67 10.66
CA ARG A 21 -9.98 -14.34 11.95
CA ARG A 21 -10.06 -14.31 11.98
C ARG A 21 -10.60 -15.74 11.96
N ARG A 22 -11.70 -15.91 11.25
CA ARG A 22 -12.36 -17.20 11.24
C ARG A 22 -11.66 -18.24 10.35
N LEU A 23 -10.54 -17.86 9.73
CA LEU A 23 -9.74 -18.81 8.98
C LEU A 23 -8.78 -19.58 9.88
N ASN A 24 -8.68 -19.16 11.14
CA ASN A 24 -7.74 -19.82 12.04
C ASN A 24 -8.04 -21.32 12.15
N GLY A 25 -7.00 -22.12 11.98
CA GLY A 25 -7.12 -23.57 12.04
C GLY A 25 -7.54 -24.27 10.76
N LYS A 26 -7.77 -23.50 9.70
CA LYS A 26 -8.26 -24.06 8.43
C LYS A 26 -7.20 -24.25 7.37
N LYS A 27 -7.48 -25.21 6.48
CA LYS A 27 -6.70 -25.39 5.26
CA LYS A 27 -6.69 -25.39 5.28
C LYS A 27 -7.14 -24.36 4.23
N VAL A 28 -6.18 -23.64 3.69
CA VAL A 28 -6.49 -22.60 2.71
C VAL A 28 -5.48 -22.58 1.59
N LYS A 29 -5.85 -21.88 0.51
CA LYS A 29 -4.89 -21.55 -0.54
CA LYS A 29 -4.94 -21.56 -0.57
C LYS A 29 -4.75 -20.04 -0.58
N ILE A 30 -3.52 -19.59 -0.35
CA ILE A 30 -3.24 -18.16 -0.29
C ILE A 30 -2.58 -17.69 -1.57
N PHE A 31 -3.22 -16.74 -2.25
CA PHE A 31 -2.71 -16.20 -3.51
C PHE A 31 -1.99 -14.89 -3.23
N LEU A 32 -0.67 -14.93 -3.34
CA LEU A 32 0.18 -13.77 -3.00
C LEU A 32 0.34 -12.80 -4.16
N ARG A 33 0.71 -11.56 -3.82
CA ARG A 33 0.82 -10.50 -4.84
C ARG A 33 1.94 -10.79 -5.82
N ASN A 34 2.91 -11.62 -5.42
CA ASN A 34 4.02 -11.98 -6.30
C ASN A 34 3.73 -13.14 -7.23
N GLY A 35 2.50 -13.65 -7.18
CA GLY A 35 2.10 -14.74 -8.06
C GLY A 35 2.29 -16.12 -7.46
N GLU A 36 2.92 -16.19 -6.29
CA GLU A 36 3.07 -17.46 -5.60
CA GLU A 36 3.06 -17.46 -5.59
C GLU A 36 1.74 -17.88 -4.96
N VAL A 37 1.54 -19.18 -4.84
CA VAL A 37 0.37 -19.72 -4.18
C VAL A 37 0.83 -20.62 -3.04
N LEU A 38 0.34 -20.36 -1.84
CA LEU A 38 0.66 -21.19 -0.67
C LEU A 38 -0.48 -22.16 -0.35
N ASP A 39 -0.18 -23.47 -0.38
CA ASP A 39 -1.10 -24.45 0.16
C ASP A 39 -0.83 -24.57 1.66
N ALA A 40 -1.70 -23.95 2.46
CA ALA A 40 -1.37 -23.66 3.84
C ALA A 40 -2.40 -24.14 4.85
N GLU A 41 -1.97 -24.32 6.10
CA GLU A 41 -2.89 -24.42 7.22
C GLU A 41 -2.68 -23.18 8.08
N VAL A 42 -3.76 -22.47 8.40
CA VAL A 42 -3.65 -21.26 9.21
C VAL A 42 -3.45 -21.60 10.69
N THR A 43 -2.41 -21.04 11.29
CA THR A 43 -2.10 -21.31 12.71
C THR A 43 -2.37 -20.10 13.62
N GLY A 44 -2.59 -18.93 13.02
CA GLY A 44 -2.93 -17.75 13.79
C GLY A 44 -3.25 -16.58 12.88
N VAL A 45 -4.07 -15.65 13.38
CA VAL A 45 -4.45 -14.46 12.65
C VAL A 45 -4.41 -13.23 13.56
N SER A 46 -3.73 -12.19 13.12
CA SER A 46 -3.73 -10.91 13.82
C SER A 46 -4.32 -9.86 12.89
N ASN A 47 -4.34 -8.60 13.34
CA ASN A 47 -4.87 -7.54 12.49
C ASN A 47 -4.16 -7.47 11.14
N TYR A 48 -2.84 -7.63 11.15
CA TYR A 48 -2.06 -7.42 9.94
C TYR A 48 -1.37 -8.65 9.37
N GLU A 49 -1.45 -9.79 10.08
CA GLU A 49 -0.68 -10.97 9.71
C GLU A 49 -1.54 -12.23 9.71
N ILE A 50 -1.14 -13.19 8.89
CA ILE A 50 -1.67 -14.55 8.99
C ILE A 50 -0.49 -15.50 9.13
N MET A 51 -0.51 -16.32 10.19
CA MET A 51 0.54 -17.30 10.42
C MET A 51 0.10 -18.60 9.80
N VAL A 52 1.02 -19.26 9.09
CA VAL A 52 0.69 -20.52 8.44
C VAL A 52 1.78 -21.58 8.55
N LYS A 53 1.35 -22.83 8.39
CA LYS A 53 2.25 -23.94 8.12
C LYS A 53 2.08 -24.30 6.65
N VAL A 54 3.19 -24.37 5.93
CA VAL A 54 3.18 -24.84 4.56
C VAL A 54 4.14 -26.02 4.52
N GLY A 55 3.60 -27.23 4.49
CA GLY A 55 4.43 -28.41 4.63
C GLY A 55 5.14 -28.35 5.96
N ASP A 56 6.47 -28.41 5.92
CA ASP A 56 7.28 -28.38 7.14
C ASP A 56 7.70 -26.96 7.53
N ARG A 57 7.32 -25.97 6.71
CA ARG A 57 7.77 -24.60 6.91
C ARG A 57 6.77 -23.79 7.73
N ASN A 58 7.27 -22.93 8.62
CA ASN A 58 6.41 -22.00 9.34
C ASN A 58 6.63 -20.61 8.78
N LEU A 59 5.55 -19.95 8.38
CA LEU A 59 5.62 -18.62 7.77
C LEU A 59 4.74 -17.60 8.48
N LEU A 60 5.25 -16.38 8.58
CA LEU A 60 4.43 -15.23 8.91
C LEU A 60 4.13 -14.54 7.61
N VAL A 61 2.85 -14.45 7.23
CA VAL A 61 2.46 -13.79 5.99
C VAL A 61 1.80 -12.46 6.28
N PHE A 62 2.29 -11.39 5.66
CA PHE A 62 1.61 -10.11 5.87
C PHE A 62 0.38 -10.03 5.00
N LYS A 63 -0.72 -9.57 5.57
CA LYS A 63 -1.95 -9.48 4.80
C LYS A 63 -1.78 -8.57 3.58
N HIS A 64 -0.98 -7.51 3.69
CA HIS A 64 -0.80 -6.61 2.55
C HIS A 64 -0.20 -7.32 1.34
N ALA A 65 0.40 -8.49 1.57
CA ALA A 65 1.06 -9.24 0.51
C ALA A 65 0.13 -10.27 -0.13
N ILE A 66 -1.09 -10.37 0.39
CA ILE A 66 -2.08 -11.35 -0.08
C ILE A 66 -3.08 -10.69 -0.99
N ASP A 67 -3.40 -11.34 -2.11
CA ASP A 67 -4.46 -10.85 -2.96
C ASP A 67 -5.80 -11.45 -2.55
N TYR A 68 -5.88 -12.78 -2.49
CA TYR A 68 -7.09 -13.43 -1.99
C TYR A 68 -6.77 -14.81 -1.43
N ILE A 69 -7.74 -15.34 -0.70
CA ILE A 69 -7.59 -16.64 -0.04
C ILE A 69 -8.77 -17.53 -0.39
N GLU A 70 -8.47 -18.71 -0.90
CA GLU A 70 -9.52 -19.71 -1.14
C GLU A 70 -9.65 -20.60 0.09
N TYR A 71 -10.87 -20.81 0.57
CA TYR A 71 -11.03 -21.58 1.80
C TYR A 71 -12.27 -22.49 1.73
N ILE B 14 -5.94 -8.28 21.37
CA ILE B 14 -6.20 -6.94 21.89
C ILE B 14 -5.41 -5.91 21.04
N PRO B 15 -5.59 -4.60 21.31
CA PRO B 15 -4.81 -3.59 20.59
C PRO B 15 -3.33 -3.91 20.41
N ASN B 16 -2.87 -3.72 19.19
CA ASN B 16 -1.45 -3.80 18.83
C ASN B 16 -0.82 -5.16 19.06
N PHE B 17 -1.61 -6.23 19.17
CA PHE B 17 -0.97 -7.55 19.16
C PHE B 17 -0.39 -7.82 17.78
N GLU B 18 0.85 -8.31 17.75
CA GLU B 18 1.41 -8.76 16.48
C GLU B 18 2.35 -9.92 16.71
N TYR B 19 2.31 -10.85 15.76
CA TYR B 19 3.20 -11.98 15.79
C TYR B 19 4.65 -11.62 15.43
N ALA B 20 4.86 -10.56 14.64
CA ALA B 20 6.20 -10.27 14.17
C ALA B 20 7.18 -10.01 15.31
N ARG B 21 6.72 -9.38 16.38
CA ARG B 21 7.68 -9.07 17.45
C ARG B 21 8.09 -10.35 18.18
N ARG B 22 7.34 -11.43 18.02
CA ARG B 22 7.73 -12.73 18.59
C ARG B 22 8.92 -13.33 17.85
N LEU B 23 9.29 -12.75 16.71
CA LEU B 23 10.48 -13.16 15.97
C LEU B 23 11.73 -12.38 16.43
N ASN B 24 11.53 -11.44 17.34
CA ASN B 24 12.64 -10.68 17.92
C ASN B 24 13.73 -11.58 18.47
N GLY B 25 14.97 -11.37 18.06
CA GLY B 25 16.09 -12.16 18.53
C GLY B 25 16.28 -13.49 17.80
N LYS B 26 15.43 -13.76 16.81
CA LYS B 26 15.53 -15.01 16.06
C LYS B 26 16.19 -14.84 14.69
N LYS B 27 16.73 -15.95 14.18
CA LYS B 27 17.20 -16.05 12.81
C LYS B 27 16.01 -16.36 11.91
N VAL B 28 15.86 -15.60 10.84
CA VAL B 28 14.71 -15.75 9.96
C VAL B 28 15.10 -15.56 8.51
N LYS B 29 14.23 -15.96 7.59
CA LYS B 29 14.38 -15.61 6.19
C LYS B 29 13.27 -14.63 5.82
N ILE B 30 13.65 -13.44 5.36
CA ILE B 30 12.68 -12.40 5.00
C ILE B 30 12.53 -12.32 3.49
N PHE B 31 11.33 -12.61 3.01
CA PHE B 31 11.04 -12.61 1.58
C PHE B 31 10.43 -11.25 1.22
N LEU B 32 11.22 -10.43 0.53
CA LEU B 32 10.82 -9.05 0.22
C LEU B 32 10.00 -8.96 -1.06
N ARG B 33 9.24 -7.89 -1.19
CA ARG B 33 8.37 -7.72 -2.36
C ARG B 33 9.17 -7.56 -3.64
N ASN B 34 10.47 -7.21 -3.53
CA ASN B 34 11.34 -7.03 -4.68
C ASN B 34 12.01 -8.32 -5.14
N GLY B 35 11.64 -9.45 -4.51
CA GLY B 35 12.18 -10.74 -4.88
C GLY B 35 13.41 -11.17 -4.09
N GLU B 36 14.01 -10.23 -3.36
CA GLU B 36 15.17 -10.54 -2.54
C GLU B 36 14.79 -11.34 -1.30
N VAL B 37 15.71 -12.19 -0.85
CA VAL B 37 15.53 -12.93 0.38
C VAL B 37 16.66 -12.58 1.34
N LEU B 38 16.29 -12.05 2.51
CA LEU B 38 17.29 -11.68 3.50
C LEU B 38 17.47 -12.80 4.52
N ASP B 39 18.70 -13.29 4.66
CA ASP B 39 19.01 -14.21 5.73
C ASP B 39 19.40 -13.37 6.93
N ALA B 40 18.49 -13.28 7.90
CA ALA B 40 18.54 -12.17 8.85
C ALA B 40 18.47 -12.61 10.30
N GLU B 41 19.08 -11.82 11.17
CA GLU B 41 18.81 -11.89 12.59
C GLU B 41 17.98 -10.67 13.01
N VAL B 42 16.82 -10.88 13.62
CA VAL B 42 15.98 -9.76 14.03
C VAL B 42 16.48 -9.15 15.33
N THR B 43 16.68 -7.82 15.31
CA THR B 43 17.18 -7.10 16.48
C THR B 43 16.18 -6.09 17.05
N GLY B 44 15.11 -5.82 16.31
CA GLY B 44 14.06 -4.97 16.83
C GLY B 44 12.82 -4.97 15.96
N VAL B 45 11.67 -4.74 16.57
CA VAL B 45 10.42 -4.71 15.81
C VAL B 45 9.58 -3.57 16.31
N SER B 46 9.24 -2.64 15.44
CA SER B 46 8.30 -1.57 15.79
C SER B 46 6.98 -1.81 15.07
N ASN B 47 6.05 -0.86 15.17
CA ASN B 47 4.77 -1.05 14.47
C ASN B 47 4.96 -1.20 12.97
N TYR B 48 5.90 -0.46 12.41
CA TYR B 48 6.05 -0.42 10.95
C TYR B 48 7.38 -0.93 10.42
N GLU B 49 8.32 -1.24 11.31
CA GLU B 49 9.69 -1.56 10.88
C GLU B 49 10.19 -2.82 11.55
N ILE B 50 11.10 -3.51 10.87
CA ILE B 50 11.87 -4.60 11.47
C ILE B 50 13.34 -4.31 11.28
N MET B 51 14.09 -4.28 12.38
CA MET B 51 15.52 -4.06 12.35
C MET B 51 16.25 -5.40 12.27
N VAL B 52 17.19 -5.52 11.34
CA VAL B 52 17.89 -6.79 11.17
C VAL B 52 19.39 -6.65 10.94
N LYS B 53 20.14 -7.68 11.32
CA LYS B 53 21.51 -7.85 10.86
C LYS B 53 21.50 -8.88 9.77
N VAL B 54 22.19 -8.60 8.67
CA VAL B 54 22.32 -9.54 7.56
C VAL B 54 23.79 -9.60 7.27
N GLY B 55 24.44 -10.67 7.73
CA GLY B 55 25.88 -10.73 7.68
C GLY B 55 26.43 -9.59 8.53
N ASP B 56 27.26 -8.74 7.93
CA ASP B 56 27.81 -7.61 8.65
C ASP B 56 27.04 -6.31 8.37
N ARG B 57 25.92 -6.43 7.66
CA ARG B 57 25.11 -5.27 7.31
C ARG B 57 24.00 -5.03 8.34
N ASN B 58 23.75 -3.77 8.65
CA ASN B 58 22.61 -3.41 9.47
C ASN B 58 21.53 -2.77 8.59
N LEU B 59 20.31 -3.32 8.66
CA LEU B 59 19.20 -2.84 7.84
C LEU B 59 17.98 -2.49 8.67
N LEU B 60 17.31 -1.42 8.25
CA LEU B 60 15.95 -1.11 8.70
C LEU B 60 15.04 -1.56 7.56
N VAL B 61 14.18 -2.54 7.82
CA VAL B 61 13.28 -3.05 6.78
C VAL B 61 11.86 -2.58 7.08
N PHE B 62 11.18 -1.97 6.11
CA PHE B 62 9.79 -1.61 6.35
C PHE B 62 8.89 -2.84 6.17
N LYS B 63 7.96 -3.03 7.11
CA LYS B 63 7.08 -4.18 7.01
C LYS B 63 6.30 -4.20 5.68
N HIS B 64 5.95 -3.01 5.17
CA HIS B 64 5.19 -2.95 3.92
C HIS B 64 5.94 -3.53 2.73
N ALA B 65 7.26 -3.65 2.85
CA ALA B 65 8.06 -4.23 1.77
C ALA B 65 8.28 -5.73 1.93
N ILE B 66 7.73 -6.32 2.99
CA ILE B 66 7.90 -7.74 3.25
C ILE B 66 6.67 -8.51 2.79
N ASP B 67 6.88 -9.60 2.08
CA ASP B 67 5.76 -10.49 1.72
C ASP B 67 5.51 -11.51 2.83
N TYR B 68 6.55 -12.28 3.18
CA TYR B 68 6.42 -13.19 4.31
C TYR B 68 7.80 -13.47 4.90
N ILE B 69 7.78 -14.02 6.11
CA ILE B 69 8.99 -14.36 6.85
C ILE B 69 8.93 -15.82 7.22
N GLU B 70 9.97 -16.57 6.89
CA GLU B 70 10.08 -17.95 7.32
C GLU B 70 10.91 -18.01 8.61
N TYR B 71 10.44 -18.77 9.59
CA TYR B 71 11.15 -18.81 10.86
C TYR B 71 11.19 -20.23 11.40
N ASN C 16 4.68 6.54 20.25
CA ASN C 16 5.52 7.47 19.49
C ASN C 16 6.97 7.03 19.42
N PHE C 17 7.23 5.97 18.64
CA PHE C 17 8.59 5.48 18.39
C PHE C 17 8.79 5.03 16.95
N GLU C 18 9.88 5.46 16.34
CA GLU C 18 10.29 5.01 15.02
C GLU C 18 11.79 4.78 14.99
N TYR C 19 12.22 3.62 14.51
CA TYR C 19 13.66 3.40 14.34
C TYR C 19 14.24 4.36 13.32
N ALA C 20 13.45 4.78 12.34
CA ALA C 20 13.96 5.68 11.31
C ALA C 20 14.49 6.98 11.91
N ARG C 21 13.94 7.40 13.04
CA ARG C 21 14.43 8.63 13.67
C ARG C 21 15.87 8.51 14.12
N ARG C 22 16.35 7.30 14.36
CA ARG C 22 17.73 7.09 14.76
C ARG C 22 18.71 7.45 13.65
N LEU C 23 18.20 7.53 12.42
CA LEU C 23 19.08 7.76 11.27
C LEU C 23 19.21 9.22 10.91
N ASN C 24 18.54 10.10 11.63
CA ASN C 24 18.65 11.52 11.32
C ASN C 24 20.09 12.01 11.39
N GLY C 25 20.51 12.73 10.36
CA GLY C 25 21.86 13.24 10.30
C GLY C 25 22.90 12.25 9.80
N LYS C 26 22.47 11.04 9.47
CA LYS C 26 23.39 9.98 9.12
C LYS C 26 23.48 9.72 7.62
N LYS C 27 24.60 9.17 7.18
CA LYS C 27 24.75 8.66 5.82
C LYS C 27 24.16 7.26 5.75
N VAL C 28 23.29 7.03 4.77
CA VAL C 28 22.62 5.74 4.61
C VAL C 28 22.49 5.36 3.15
N LYS C 29 22.14 4.10 2.88
CA LYS C 29 21.75 3.68 1.54
C LYS C 29 20.27 3.34 1.56
N ILE C 30 19.46 4.08 0.81
CA ILE C 30 18.01 3.84 0.77
C ILE C 30 17.65 3.02 -0.45
N PHE C 31 17.15 1.81 -0.22
CA PHE C 31 16.75 0.91 -1.30
C PHE C 31 15.28 1.12 -1.60
N LEU C 32 14.99 1.74 -2.76
CA LEU C 32 13.63 2.10 -3.15
C LEU C 32 12.90 0.96 -3.86
N ARG C 33 11.57 0.99 -3.80
CA ARG C 33 10.75 -0.02 -4.46
C ARG C 33 10.89 0.00 -5.97
N ASN C 34 11.44 1.09 -6.51
CA ASN C 34 11.62 1.21 -7.96
C ASN C 34 12.96 0.64 -8.42
N GLY C 35 13.76 0.16 -7.47
CA GLY C 35 15.02 -0.48 -7.80
C GLY C 35 16.23 0.40 -7.63
N GLU C 36 16.00 1.71 -7.47
CA GLU C 36 17.06 2.67 -7.24
C GLU C 36 17.64 2.51 -5.84
N VAL C 37 18.92 2.85 -5.70
CA VAL C 37 19.56 2.92 -4.40
C VAL C 37 20.09 4.34 -4.20
N LEU C 38 19.57 5.05 -3.21
CA LEU C 38 19.99 6.41 -2.94
C LEU C 38 21.15 6.45 -1.96
N ASP C 39 22.28 7.04 -2.36
CA ASP C 39 23.36 7.32 -1.42
C ASP C 39 23.05 8.66 -0.76
N ALA C 40 22.52 8.61 0.45
CA ALA C 40 21.84 9.75 1.00
C ALA C 40 22.37 10.16 2.37
N GLU C 41 22.21 11.44 2.66
CA GLU C 41 22.34 11.97 4.01
C GLU C 41 20.95 12.33 4.49
N VAL C 42 20.54 11.78 5.63
CA VAL C 42 19.22 12.07 6.17
C VAL C 42 19.21 13.44 6.83
N THR C 43 18.27 14.29 6.42
CA THR C 43 18.15 15.62 7.02
C THR C 43 16.88 15.85 7.84
N GLY C 44 15.96 14.89 7.80
CA GLY C 44 14.75 14.98 8.59
C GLY C 44 13.94 13.70 8.47
N VAL C 45 13.15 13.39 9.50
CA VAL C 45 12.27 12.22 9.51
C VAL C 45 10.93 12.60 10.09
N SER C 46 9.87 12.47 9.29
CA SER C 46 8.52 12.67 9.77
C SER C 46 7.83 11.32 9.88
N ASN C 47 6.56 11.32 10.26
CA ASN C 47 5.85 10.04 10.34
C ASN C 47 5.84 9.32 9.02
N TYR C 48 5.71 10.06 7.91
CA TYR C 48 5.49 9.41 6.62
C TYR C 48 6.60 9.64 5.60
N GLU C 49 7.56 10.49 5.94
CA GLU C 49 8.58 10.92 4.97
C GLU C 49 9.98 10.87 5.56
N ILE C 50 10.97 10.72 4.68
CA ILE C 50 12.35 10.94 5.04
C ILE C 50 12.94 12.00 4.11
N MET C 51 13.49 13.06 4.69
CA MET C 51 14.09 14.12 3.89
C MET C 51 15.56 13.80 3.75
N VAL C 52 16.08 13.86 2.52
CA VAL C 52 17.48 13.52 2.29
C VAL C 52 18.16 14.49 1.37
N LYS C 53 19.50 14.50 1.46
CA LYS C 53 20.37 15.10 0.48
C LYS C 53 21.04 13.98 -0.29
N VAL C 54 20.95 14.03 -1.61
CA VAL C 54 21.66 13.10 -2.47
C VAL C 54 22.46 13.96 -3.44
N GLY C 55 23.77 14.05 -3.24
CA GLY C 55 24.55 15.01 -3.98
C GLY C 55 24.07 16.42 -3.69
N ASP C 56 23.84 17.20 -4.75
CA ASP C 56 23.34 18.57 -4.61
C ASP C 56 21.82 18.62 -4.62
N ARG C 57 21.18 17.46 -4.57
CA ARG C 57 19.71 17.39 -4.68
C ARG C 57 19.06 17.20 -3.31
N ASN C 58 17.97 17.94 -3.07
CA ASN C 58 17.14 17.72 -1.90
C ASN C 58 15.90 16.95 -2.30
N LEU C 59 15.67 15.82 -1.64
CA LEU C 59 14.53 14.97 -1.97
C LEU C 59 13.64 14.79 -0.75
N LEU C 60 12.35 14.71 -1.00
CA LEU C 60 11.40 14.24 0.00
C LEU C 60 11.06 12.80 -0.41
N VAL C 61 11.45 11.82 0.41
CA VAL C 61 11.19 10.41 0.07
C VAL C 61 10.03 9.89 0.90
N PHE C 62 9.01 9.34 0.27
CA PHE C 62 7.93 8.74 1.05
C PHE C 62 8.34 7.37 1.58
N LYS C 63 8.11 7.14 2.87
CA LYS C 63 8.46 5.86 3.45
C LYS C 63 7.81 4.68 2.73
N HIS C 64 6.57 4.85 2.25
CA HIS C 64 5.92 3.77 1.54
C HIS C 64 6.67 3.33 0.28
N ALA C 65 7.58 4.19 -0.22
CA ALA C 65 8.35 3.84 -1.41
C ALA C 65 9.68 3.21 -1.08
N ILE C 66 10.00 3.09 0.21
CA ILE C 66 11.27 2.51 0.63
C ILE C 66 11.09 1.03 0.99
N ASP C 67 12.00 0.20 0.52
CA ASP C 67 11.96 -1.22 0.91
C ASP C 67 12.80 -1.40 2.19
N TYR C 68 14.05 -0.95 2.17
CA TYR C 68 14.86 -1.01 3.37
C TYR C 68 15.98 0.01 3.29
N ILE C 69 16.61 0.26 4.43
CA ILE C 69 17.67 1.25 4.54
C ILE C 69 18.88 0.58 5.16
N GLU C 70 20.03 0.72 4.53
CA GLU C 70 21.27 0.21 5.12
C GLU C 70 22.00 1.36 5.80
N TYR C 71 22.43 1.16 7.04
CA TYR C 71 23.03 2.25 7.79
C TYR C 71 24.27 1.77 8.54
N VAL D 13 2.16 22.50 17.76
CA VAL D 13 3.40 22.63 17.02
C VAL D 13 4.21 21.33 17.06
N ILE D 14 4.07 20.52 16.01
CA ILE D 14 4.80 19.27 15.88
C ILE D 14 5.68 19.33 14.63
N PRO D 15 6.94 19.78 14.80
CA PRO D 15 7.87 20.07 13.69
C PRO D 15 8.04 18.92 12.70
N ASN D 16 8.17 17.69 13.21
CA ASN D 16 8.36 16.55 12.34
C ASN D 16 7.05 15.83 12.04
N PHE D 17 6.01 16.61 11.68
CA PHE D 17 4.74 15.99 11.33
C PHE D 17 4.59 15.71 9.84
N GLU D 18 4.48 16.75 9.01
CA GLU D 18 4.35 16.55 7.57
C GLU D 18 5.17 17.54 6.74
N TYR D 19 6.22 17.05 6.09
CA TYR D 19 7.04 17.94 5.31
C TYR D 19 6.37 18.35 3.99
N ALA D 20 5.47 17.53 3.49
CA ALA D 20 4.92 17.78 2.17
C ALA D 20 4.15 19.09 2.10
N ARG D 21 3.50 19.49 3.19
CA ARG D 21 2.72 20.73 3.22
CA ARG D 21 2.71 20.71 3.17
C ARG D 21 3.57 21.94 2.85
N ARG D 22 4.85 21.88 3.20
CA ARG D 22 5.79 22.98 2.91
C ARG D 22 6.09 23.13 1.42
N LEU D 23 5.63 22.17 0.62
CA LEU D 23 5.87 22.25 -0.82
C LEU D 23 4.81 23.09 -1.51
N ASN D 24 3.79 23.50 -0.78
CA ASN D 24 2.71 24.23 -1.43
C ASN D 24 3.26 25.50 -2.06
N GLY D 25 2.94 25.70 -3.33
CA GLY D 25 3.35 26.89 -4.05
C GLY D 25 4.69 26.75 -4.75
N LYS D 26 5.33 25.59 -4.62
CA LYS D 26 6.67 25.41 -5.15
C LYS D 26 6.75 24.60 -6.43
N LYS D 27 7.79 24.87 -7.21
CA LYS D 27 8.17 24.05 -8.36
C LYS D 27 8.87 22.81 -7.86
N VAL D 28 8.44 21.64 -8.34
CA VAL D 28 9.01 20.37 -7.91
C VAL D 28 9.07 19.41 -9.08
N LYS D 29 9.85 18.35 -8.90
CA LYS D 29 9.81 17.21 -9.81
CA LYS D 29 9.84 17.21 -9.80
C LYS D 29 9.31 16.01 -9.03
N ILE D 30 8.18 15.46 -9.47
CA ILE D 30 7.53 14.34 -8.76
C ILE D 30 7.81 13.03 -9.48
N PHE D 31 8.43 12.09 -8.76
CA PHE D 31 8.78 10.79 -9.34
C PHE D 31 7.74 9.78 -8.88
N LEU D 32 6.91 9.32 -9.80
CA LEU D 32 5.80 8.42 -9.49
C LEU D 32 6.21 6.96 -9.54
N ARG D 33 5.40 6.13 -8.89
CA ARG D 33 5.74 4.72 -8.70
C ARG D 33 5.85 3.91 -9.99
N ASN D 34 5.22 4.38 -11.07
CA ASN D 34 5.34 3.64 -12.32
C ASN D 34 6.50 4.11 -13.21
N GLY D 35 7.22 5.15 -12.77
CA GLY D 35 8.36 5.64 -13.52
C GLY D 35 8.08 6.95 -14.21
N GLU D 36 6.84 7.41 -14.16
CA GLU D 36 6.50 8.71 -14.71
C GLU D 36 7.12 9.82 -13.85
N VAL D 37 7.48 10.91 -14.50
CA VAL D 37 8.03 12.07 -13.81
C VAL D 37 7.21 13.30 -14.18
N LEU D 38 6.75 14.04 -13.16
CA LEU D 38 5.96 15.26 -13.37
C LEU D 38 6.79 16.50 -13.04
N ASP D 39 6.98 17.37 -14.02
CA ASP D 39 7.52 18.69 -13.75
C ASP D 39 6.36 19.59 -13.39
N ALA D 40 6.23 19.86 -12.09
CA ALA D 40 4.98 20.37 -11.53
C ALA D 40 5.18 21.63 -10.73
N GLU D 41 4.08 22.38 -10.58
CA GLU D 41 3.96 23.40 -9.56
C GLU D 41 2.87 22.95 -8.59
N VAL D 42 3.19 22.92 -7.30
CA VAL D 42 2.22 22.49 -6.30
C VAL D 42 1.23 23.59 -5.99
N THR D 43 -0.05 23.26 -6.09
CA THR D 43 -1.12 24.21 -5.84
C THR D 43 -1.93 23.89 -4.61
N GLY D 44 -1.69 22.73 -3.99
CA GLY D 44 -2.38 22.39 -2.75
C GLY D 44 -1.89 21.07 -2.20
N VAL D 45 -1.95 20.90 -0.88
CA VAL D 45 -1.55 19.67 -0.19
C VAL D 45 -2.57 19.31 0.88
N SER D 46 -3.04 18.07 0.85
CA SER D 46 -3.90 17.55 1.91
C SER D 46 -3.18 16.38 2.57
N ASN D 47 -3.83 15.70 3.51
CA ASN D 47 -3.21 14.56 4.15
C ASN D 47 -2.76 13.50 3.13
N TYR D 48 -3.59 13.27 2.11
CA TYR D 48 -3.33 12.15 1.20
C TYR D 48 -3.07 12.54 -0.24
N GLU D 49 -3.16 13.83 -0.56
CA GLU D 49 -3.12 14.30 -1.95
C GLU D 49 -2.18 15.47 -2.12
N ILE D 50 -1.62 15.58 -3.32
CA ILE D 50 -0.91 16.80 -3.73
C ILE D 50 -1.52 17.27 -5.03
N MET D 51 -1.99 18.52 -5.03
CA MET D 51 -2.58 19.12 -6.22
C MET D 51 -1.49 19.81 -7.02
N VAL D 52 -1.44 19.61 -8.33
CA VAL D 52 -0.38 20.23 -9.10
C VAL D 52 -0.87 20.74 -10.42
N LYS D 53 -0.10 21.69 -10.96
CA LYS D 53 -0.18 22.10 -12.36
C LYS D 53 1.01 21.50 -13.10
N VAL D 54 0.74 20.85 -14.22
CA VAL D 54 1.78 20.32 -15.09
C VAL D 54 1.44 20.79 -16.49
N GLY D 55 2.25 21.70 -17.01
CA GLY D 55 1.93 22.34 -18.28
C GLY D 55 0.56 22.99 -18.16
N ASP D 56 -0.33 22.66 -19.10
CA ASP D 56 -1.68 23.20 -19.10
C ASP D 56 -2.65 22.40 -18.23
N ARG D 57 -2.17 21.27 -17.70
CA ARG D 57 -3.03 20.31 -17.02
C ARG D 57 -3.10 20.51 -15.50
N ASN D 58 -4.28 20.26 -14.94
CA ASN D 58 -4.44 20.23 -13.50
C ASN D 58 -4.62 18.81 -13.04
N LEU D 59 -3.82 18.38 -12.08
CA LEU D 59 -3.84 17.00 -11.60
C LEU D 59 -4.03 16.93 -10.10
N LEU D 60 -4.79 15.93 -9.66
CA LEU D 60 -4.78 15.52 -8.26
C LEU D 60 -3.88 14.28 -8.19
N VAL D 61 -2.78 14.35 -7.46
CA VAL D 61 -1.85 13.23 -7.35
C VAL D 61 -1.99 12.60 -5.96
N PHE D 62 -2.21 11.29 -5.88
CA PHE D 62 -2.23 10.65 -4.59
C PHE D 62 -0.83 10.42 -4.07
N LYS D 63 -0.60 10.77 -2.81
CA LYS D 63 0.72 10.60 -2.23
C LYS D 63 1.19 9.15 -2.29
N HIS D 64 0.26 8.18 -2.15
CA HIS D 64 0.65 6.78 -2.22
C HIS D 64 1.28 6.37 -3.56
N ALA D 65 1.04 7.16 -4.61
CA ALA D 65 1.60 6.88 -5.91
C ALA D 65 2.94 7.55 -6.14
N ILE D 66 3.39 8.36 -5.17
CA ILE D 66 4.65 9.08 -5.30
C ILE D 66 5.78 8.31 -4.63
N ASP D 67 6.92 8.19 -5.31
CA ASP D 67 8.10 7.62 -4.66
C ASP D 67 8.91 8.71 -3.95
N TYR D 68 9.32 9.75 -4.67
CA TYR D 68 9.98 10.90 -4.03
C TYR D 68 9.77 12.15 -4.84
N ILE D 69 10.07 13.27 -4.20
CA ILE D 69 9.90 14.59 -4.81
C ILE D 69 11.21 15.35 -4.71
N GLU D 70 11.69 15.87 -5.84
CA GLU D 70 12.87 16.74 -5.84
C GLU D 70 12.41 18.20 -5.80
N TYR D 71 12.99 19.00 -4.92
CA TYR D 71 12.52 20.37 -4.73
C TYR D 71 13.67 21.32 -4.44
N ASN E 16 -9.02 14.74 7.52
CA ASN E 16 -10.34 15.31 7.32
C ASN E 16 -10.55 15.80 5.90
N PHE E 17 -9.91 16.92 5.55
CA PHE E 17 -10.13 17.53 4.26
C PHE E 17 -9.55 16.72 3.12
N GLU E 18 -10.32 16.59 2.04
CA GLU E 18 -9.77 16.02 0.81
C GLU E 18 -10.24 16.77 -0.44
N TYR E 19 -9.32 16.92 -1.37
CA TYR E 19 -9.62 17.55 -2.64
C TYR E 19 -10.48 16.67 -3.53
N ALA E 20 -10.39 15.34 -3.38
CA ALA E 20 -11.11 14.46 -4.28
C ALA E 20 -12.62 14.65 -4.21
N ARG E 21 -13.13 15.03 -3.02
CA ARG E 21 -14.57 15.23 -2.91
CA ARG E 21 -14.56 15.30 -2.84
C ARG E 21 -15.08 16.34 -3.81
N ARG E 22 -14.22 17.30 -4.11
CA ARG E 22 -14.58 18.40 -4.99
C ARG E 22 -14.67 17.98 -6.44
N LEU E 23 -14.31 16.74 -6.76
CA LEU E 23 -14.44 16.27 -8.13
C LEU E 23 -15.81 15.65 -8.41
N ASN E 24 -16.67 15.56 -7.39
CA ASN E 24 -17.98 14.95 -7.58
C ASN E 24 -18.74 15.74 -8.64
N GLY E 25 -19.26 15.03 -9.64
CA GLY E 25 -20.00 15.66 -10.70
C GLY E 25 -19.16 16.10 -11.89
N LYS E 26 -17.84 15.97 -11.78
CA LYS E 26 -16.93 16.31 -12.87
C LYS E 26 -16.67 15.10 -13.75
N LYS E 27 -16.30 15.34 -15.00
CA LYS E 27 -15.78 14.28 -15.85
C LYS E 27 -14.26 14.43 -15.89
N VAL E 28 -13.57 13.36 -15.51
CA VAL E 28 -12.13 13.40 -15.29
C VAL E 28 -11.46 12.24 -15.99
N LYS E 29 -10.13 12.28 -16.03
CA LYS E 29 -9.35 11.13 -16.46
C LYS E 29 -8.63 10.56 -15.27
N ILE E 30 -8.97 9.32 -14.93
CA ILE E 30 -8.38 8.62 -13.78
C ILE E 30 -7.26 7.72 -14.29
N PHE E 31 -6.04 7.99 -13.87
CA PHE E 31 -4.89 7.18 -14.27
C PHE E 31 -4.58 6.20 -13.15
N LEU E 32 -4.86 4.92 -13.42
CA LEU E 32 -4.72 3.85 -12.43
C LEU E 32 -3.30 3.32 -12.38
N ARG E 33 -2.97 2.66 -11.26
CA ARG E 33 -1.63 2.12 -11.04
C ARG E 33 -1.24 1.02 -12.02
N ASN E 34 -2.20 0.43 -12.72
CA ASN E 34 -1.92 -0.58 -13.74
C ASN E 34 -1.68 0.01 -15.12
N GLY E 35 -1.69 1.32 -15.24
CA GLY E 35 -1.47 1.97 -16.52
C GLY E 35 -2.72 2.25 -17.32
N GLU E 36 -3.88 1.92 -16.76
CA GLU E 36 -5.16 2.13 -17.40
C GLU E 36 -5.62 3.56 -17.18
N VAL E 37 -6.33 4.14 -18.15
CA VAL E 37 -6.99 5.42 -17.91
C VAL E 37 -8.50 5.24 -18.07
N LEU E 38 -9.25 5.82 -17.14
CA LEU E 38 -10.70 5.80 -17.19
C LEU E 38 -11.23 7.18 -17.51
N ASP E 39 -11.98 7.31 -18.59
CA ASP E 39 -12.71 8.53 -18.91
CA ASP E 39 -12.72 8.53 -18.90
C ASP E 39 -13.99 8.51 -18.08
N ALA E 40 -13.97 9.18 -16.93
CA ALA E 40 -14.94 8.89 -15.89
C ALA E 40 -15.76 10.08 -15.42
N GLU E 41 -17.08 9.91 -15.34
CA GLU E 41 -17.91 10.89 -14.65
C GLU E 41 -18.02 10.47 -13.20
N VAL E 42 -17.62 11.36 -12.29
CA VAL E 42 -17.62 11.03 -10.87
C VAL E 42 -19.01 11.23 -10.32
N THR E 43 -19.54 10.18 -9.71
CA THR E 43 -20.89 10.20 -9.15
C THR E 43 -20.92 10.11 -7.63
N GLY E 44 -19.77 9.85 -7.01
CA GLY E 44 -19.70 9.77 -5.56
C GLY E 44 -18.28 9.61 -5.09
N VAL E 45 -17.98 10.14 -3.91
CA VAL E 45 -16.65 10.05 -3.32
C VAL E 45 -16.77 9.75 -1.84
N SER E 46 -16.08 8.70 -1.38
CA SER E 46 -16.01 8.36 0.04
C SER E 46 -14.56 8.48 0.50
N ASN E 47 -14.28 8.12 1.74
CA ASN E 47 -12.90 8.24 2.20
C ASN E 47 -11.96 7.42 1.34
N TYR E 48 -12.43 6.26 0.89
CA TYR E 48 -11.55 5.31 0.24
C TYR E 48 -11.91 4.98 -1.20
N GLU E 49 -13.05 5.47 -1.67
CA GLU E 49 -13.57 5.04 -2.98
C GLU E 49 -13.99 6.22 -3.81
N ILE E 50 -13.96 6.04 -5.13
CA ILE E 50 -14.56 7.01 -6.05
C ILE E 50 -15.50 6.22 -6.95
N MET E 51 -16.76 6.63 -6.98
CA MET E 51 -17.78 5.99 -7.82
C MET E 51 -17.84 6.71 -9.14
N VAL E 52 -17.82 5.96 -10.25
CA VAL E 52 -17.79 6.58 -11.57
C VAL E 52 -18.69 5.87 -12.57
N LYS E 53 -19.12 6.64 -13.55
CA LYS E 53 -19.70 6.11 -14.77
C LYS E 53 -18.67 6.25 -15.88
N VAL E 54 -18.36 5.15 -16.57
CA VAL E 54 -17.45 5.17 -17.71
C VAL E 54 -18.24 4.60 -18.88
N GLY E 55 -18.67 5.50 -19.77
CA GLY E 55 -19.61 5.10 -20.80
C GLY E 55 -20.87 4.60 -20.12
N ASP E 56 -21.23 3.35 -20.42
CA ASP E 56 -22.44 2.75 -19.85
C ASP E 56 -22.13 1.90 -18.62
N ARG E 57 -20.85 1.82 -18.26
CA ARG E 57 -20.43 0.99 -17.13
C ARG E 57 -20.41 1.77 -15.82
N ASN E 58 -20.79 1.09 -14.74
CA ASN E 58 -20.72 1.66 -13.41
C ASN E 58 -19.60 0.98 -12.65
N LEU E 59 -18.67 1.78 -12.14
CA LEU E 59 -17.51 1.23 -11.43
C LEU E 59 -17.38 1.83 -10.03
N LEU E 60 -16.89 1.01 -9.11
CA LEU E 60 -16.37 1.45 -7.84
C LEU E 60 -14.86 1.40 -7.96
N VAL E 61 -14.19 2.54 -7.85
CA VAL E 61 -12.75 2.58 -7.98
C VAL E 61 -12.12 2.81 -6.61
N PHE E 62 -11.15 1.98 -6.23
CA PHE E 62 -10.49 2.24 -4.95
C PHE E 62 -9.43 3.31 -5.13
N LYS E 63 -9.40 4.28 -4.22
CA LYS E 63 -8.41 5.36 -4.32
C LYS E 63 -6.98 4.79 -4.29
N HIS E 64 -6.75 3.68 -3.59
CA HIS E 64 -5.38 3.15 -3.51
C HIS E 64 -4.87 2.68 -4.86
N ALA E 65 -5.79 2.46 -5.81
CA ALA E 65 -5.43 1.99 -7.14
C ALA E 65 -5.21 3.14 -8.10
N ILE E 66 -5.46 4.36 -7.65
CA ILE E 66 -5.34 5.54 -8.50
C ILE E 66 -3.96 6.17 -8.31
N ASP E 67 -3.29 6.49 -9.41
CA ASP E 67 -2.05 7.27 -9.30
C ASP E 67 -2.34 8.77 -9.29
N TYR E 68 -3.03 9.25 -10.32
CA TYR E 68 -3.47 10.64 -10.34
C TYR E 68 -4.71 10.80 -11.20
N ILE E 69 -5.32 11.97 -11.09
CA ILE E 69 -6.54 12.31 -11.78
C ILE E 69 -6.36 13.63 -12.50
N GLU E 70 -6.65 13.66 -13.80
CA GLU E 70 -6.61 14.92 -14.56
C GLU E 70 -8.03 15.45 -14.62
N TYR E 71 -8.22 16.72 -14.26
CA TYR E 71 -9.56 17.28 -14.22
C TYR E 71 -9.59 18.66 -14.84
N PRO F 15 -17.93 9.25 5.21
CA PRO F 15 -17.15 9.01 6.43
C PRO F 15 -18.02 8.55 7.58
N ASN F 16 -17.79 7.35 8.12
CA ASN F 16 -16.85 6.39 7.54
C ASN F 16 -17.61 5.44 6.60
N PHE F 17 -18.52 6.05 5.87
CA PHE F 17 -19.33 5.42 4.85
C PHE F 17 -18.48 4.67 3.83
N GLU F 18 -18.99 3.52 3.38
CA GLU F 18 -18.37 2.73 2.31
C GLU F 18 -19.43 2.42 1.26
N TYR F 19 -19.17 2.78 0.02
CA TYR F 19 -20.03 2.31 -1.06
C TYR F 19 -19.95 0.80 -1.25
N ALA F 20 -18.81 0.20 -0.91
CA ALA F 20 -18.64 -1.24 -1.17
C ALA F 20 -19.68 -2.11 -0.43
N ARG F 21 -20.17 -1.65 0.73
CA ARG F 21 -21.17 -2.41 1.49
C ARG F 21 -22.42 -2.65 0.66
N ARG F 22 -22.76 -1.68 -0.19
CA ARG F 22 -23.96 -1.75 -1.00
C ARG F 22 -23.85 -2.79 -2.11
N LEU F 23 -22.65 -3.37 -2.28
CA LEU F 23 -22.46 -4.41 -3.28
C LEU F 23 -22.83 -5.79 -2.74
N ASN F 24 -23.11 -5.90 -1.45
CA ASN F 24 -23.46 -7.19 -0.86
C ASN F 24 -24.69 -7.77 -1.56
N GLY F 25 -24.58 -9.01 -2.00
CA GLY F 25 -25.65 -9.67 -2.73
C GLY F 25 -25.61 -9.48 -4.24
N LYS F 26 -24.79 -8.56 -4.72
CA LYS F 26 -24.64 -8.38 -6.17
C LYS F 26 -23.64 -9.34 -6.77
N LYS F 27 -23.76 -9.60 -8.07
CA LYS F 27 -22.71 -10.32 -8.77
C LYS F 27 -21.96 -9.30 -9.62
N VAL F 28 -20.65 -9.25 -9.40
CA VAL F 28 -19.83 -8.14 -9.90
C VAL F 28 -18.60 -8.68 -10.61
N LYS F 29 -17.85 -7.79 -11.26
CA LYS F 29 -16.55 -8.17 -11.82
C LYS F 29 -15.50 -7.46 -11.00
N ILE F 30 -14.62 -8.22 -10.36
CA ILE F 30 -13.55 -7.64 -9.54
C ILE F 30 -12.28 -7.60 -10.36
N PHE F 31 -11.77 -6.40 -10.65
CA PHE F 31 -10.55 -6.25 -11.42
C PHE F 31 -9.39 -6.15 -10.43
N LEU F 32 -8.67 -7.26 -10.28
CA LEU F 32 -7.58 -7.37 -9.33
C LEU F 32 -6.32 -6.67 -9.82
N ARG F 33 -5.46 -6.30 -8.88
CA ARG F 33 -4.25 -5.56 -9.20
C ARG F 33 -3.24 -6.29 -10.09
N ASN F 34 -3.37 -7.60 -10.25
CA ASN F 34 -2.43 -8.33 -11.11
C ASN F 34 -2.95 -8.53 -12.53
N GLY F 35 -4.19 -8.17 -12.79
CA GLY F 35 -4.76 -8.37 -14.11
C GLY F 35 -5.82 -9.46 -14.18
N GLU F 36 -5.95 -10.26 -13.13
CA GLU F 36 -7.06 -11.22 -13.09
C GLU F 36 -8.38 -10.52 -12.88
N VAL F 37 -9.46 -11.13 -13.37
CA VAL F 37 -10.80 -10.61 -13.16
C VAL F 37 -11.66 -11.72 -12.58
N LEU F 38 -12.29 -11.45 -11.45
CA LEU F 38 -13.20 -12.42 -10.84
C LEU F 38 -14.65 -12.08 -11.17
N ASP F 39 -15.41 -13.06 -11.68
CA ASP F 39 -16.86 -12.94 -11.77
C ASP F 39 -17.42 -13.43 -10.45
N ALA F 40 -17.84 -12.52 -9.58
CA ALA F 40 -17.96 -12.81 -8.17
C ALA F 40 -19.29 -12.39 -7.58
N GLU F 41 -19.94 -13.32 -6.90
CA GLU F 41 -21.12 -12.98 -6.11
C GLU F 41 -20.64 -12.55 -4.73
N VAL F 42 -20.98 -11.32 -4.35
CA VAL F 42 -20.53 -10.77 -3.07
C VAL F 42 -21.41 -11.32 -1.95
N THR F 43 -20.77 -11.96 -0.97
CA THR F 43 -21.51 -12.54 0.15
C THR F 43 -21.26 -11.85 1.48
N GLY F 44 -20.29 -10.94 1.52
CA GLY F 44 -19.99 -10.21 2.74
C GLY F 44 -18.99 -9.11 2.48
N VAL F 45 -19.09 -8.02 3.24
CA VAL F 45 -18.14 -6.91 3.10
C VAL F 45 -17.72 -6.41 4.48
N SER F 46 -16.43 -6.36 4.73
CA SER F 46 -15.92 -5.76 5.95
C SER F 46 -15.11 -4.51 5.61
N ASN F 47 -14.47 -3.91 6.60
CA ASN F 47 -13.68 -2.72 6.32
C ASN F 47 -12.59 -3.01 5.28
N TYR F 48 -11.95 -4.17 5.39
CA TYR F 48 -10.78 -4.45 4.56
C TYR F 48 -10.94 -5.60 3.60
N GLU F 49 -12.07 -6.31 3.66
CA GLU F 49 -12.25 -7.54 2.90
C GLU F 49 -13.58 -7.56 2.15
N ILE F 50 -13.59 -8.28 1.03
CA ILE F 50 -14.84 -8.62 0.36
C ILE F 50 -14.88 -10.14 0.20
N MET F 51 -15.93 -10.76 0.74
CA MET F 51 -16.14 -12.20 0.63
C MET F 51 -16.95 -12.49 -0.60
N VAL F 52 -16.50 -13.46 -1.38
CA VAL F 52 -17.20 -13.76 -2.63
C VAL F 52 -17.32 -15.25 -2.90
N LYS F 53 -18.30 -15.57 -3.73
CA LYS F 53 -18.41 -16.88 -4.34
C LYS F 53 -18.09 -16.76 -5.81
N VAL F 54 -17.12 -17.55 -6.27
CA VAL F 54 -16.77 -17.57 -7.69
C VAL F 54 -16.99 -18.99 -8.16
N GLY F 55 -18.14 -19.23 -8.78
CA GLY F 55 -18.53 -20.60 -9.07
C GLY F 55 -18.69 -21.37 -7.78
N ASP F 56 -17.98 -22.49 -7.66
CA ASP F 56 -18.05 -23.32 -6.47
C ASP F 56 -17.00 -22.92 -5.43
N ARG F 57 -16.25 -21.87 -5.72
CA ARG F 57 -15.16 -21.45 -4.83
C ARG F 57 -15.57 -20.31 -3.92
N ASN F 58 -15.19 -20.41 -2.65
CA ASN F 58 -15.36 -19.31 -1.72
C ASN F 58 -14.02 -18.62 -1.53
N LEU F 59 -14.01 -17.30 -1.73
CA LEU F 59 -12.77 -16.52 -1.58
C LEU F 59 -12.94 -15.38 -0.60
N LEU F 60 -11.85 -15.11 0.13
CA LEU F 60 -11.70 -13.87 0.86
C LEU F 60 -10.80 -12.98 0.00
N VAL F 61 -11.33 -11.84 -0.45
CA VAL F 61 -10.56 -10.92 -1.29
C VAL F 61 -10.20 -9.69 -0.48
N PHE F 62 -8.91 -9.35 -0.43
CA PHE F 62 -8.56 -8.11 0.27
C PHE F 62 -8.79 -6.90 -0.64
N LYS F 63 -9.45 -5.88 -0.08
CA LYS F 63 -9.71 -4.68 -0.87
C LYS F 63 -8.42 -4.06 -1.42
N HIS F 64 -7.31 -4.16 -0.67
CA HIS F 64 -6.06 -3.58 -1.18
C HIS F 64 -5.58 -4.22 -2.48
N ALA F 65 -6.08 -5.43 -2.80
CA ALA F 65 -5.69 -6.13 -4.02
C ALA F 65 -6.63 -5.84 -5.18
N ILE F 66 -7.65 -5.03 -4.93
CA ILE F 66 -8.64 -4.70 -5.95
C ILE F 66 -8.33 -3.33 -6.56
N ASP F 67 -8.38 -3.23 -7.89
CA ASP F 67 -8.26 -1.91 -8.51
C ASP F 67 -9.64 -1.24 -8.62
N TYR F 68 -10.58 -1.94 -9.26
CA TYR F 68 -11.96 -1.47 -9.31
C TYR F 68 -12.93 -2.63 -9.49
N ILE F 69 -14.21 -2.32 -9.30
CA ILE F 69 -15.28 -3.30 -9.36
C ILE F 69 -16.35 -2.78 -10.30
N GLU F 70 -16.70 -3.60 -11.29
CA GLU F 70 -17.82 -3.24 -12.16
C GLU F 70 -19.08 -3.92 -11.65
N TYR F 71 -20.17 -3.18 -11.54
CA TYR F 71 -21.40 -3.78 -11.04
C TYR F 71 -22.59 -3.36 -11.88
#